data_2L9Z
#
_entry.id   2L9Z
#
loop_
_entity.id
_entity.type
_entity.pdbx_description
1 polymer 'PR domain zinc finger protein 4'
2 non-polymer 'ZINC ION'
#
_entity_poly.entity_id   1
_entity_poly.type   'polypeptide(L)'
_entity_poly.pdbx_seq_one_letter_code
;GSKENMATLFTIWCTLCDRAYPSDCPEHGPVTFVPDTPI
;
_entity_poly.pdbx_strand_id   A
#
# COMPACT_ATOMS: atom_id res chain seq x y z
N GLY A 1 4.36 4.00 8.50
CA GLY A 1 4.87 3.66 9.85
C GLY A 1 5.74 4.77 10.40
N SER A 2 7.03 4.50 10.54
CA SER A 2 7.96 5.51 11.00
C SER A 2 9.38 5.21 10.49
N LYS A 3 9.44 4.55 9.35
CA LYS A 3 10.73 4.21 8.73
C LYS A 3 10.70 4.54 7.23
N GLU A 4 9.85 5.50 6.87
CA GLU A 4 9.68 5.88 5.48
C GLU A 4 10.30 7.26 5.24
N ASN A 5 11.58 7.28 4.88
CA ASN A 5 12.25 8.53 4.56
C ASN A 5 12.69 8.53 3.10
N MET A 6 12.69 9.72 2.50
CA MET A 6 12.99 9.90 1.08
C MET A 6 11.92 9.25 0.22
N ALA A 7 12.02 7.94 0.03
CA ALA A 7 11.01 7.20 -0.72
C ALA A 7 9.82 6.88 0.17
N THR A 8 9.04 7.90 0.48
CA THR A 8 7.88 7.76 1.33
C THR A 8 6.60 8.00 0.53
N LEU A 9 6.67 7.70 -0.76
CA LEU A 9 5.50 7.81 -1.62
C LEU A 9 4.52 6.70 -1.30
N PHE A 10 5.08 5.54 -0.95
CA PHE A 10 4.28 4.39 -0.56
C PHE A 10 4.59 4.03 0.89
N THR A 11 3.57 3.64 1.63
CA THR A 11 3.70 3.43 3.06
C THR A 11 3.82 1.95 3.42
N ILE A 12 3.07 1.11 2.75
CA ILE A 12 2.96 -0.28 3.13
C ILE A 12 3.31 -1.18 1.95
N TRP A 13 4.45 -1.83 2.06
CA TRP A 13 4.93 -2.71 1.00
C TRP A 13 4.26 -4.06 1.09
N CYS A 14 3.34 -4.33 0.19
CA CYS A 14 2.71 -5.63 0.13
C CYS A 14 3.61 -6.59 -0.64
N THR A 15 4.32 -7.43 0.10
CA THR A 15 5.23 -8.40 -0.52
C THR A 15 4.46 -9.37 -1.40
N LEU A 16 3.21 -9.65 -1.03
CA LEU A 16 2.34 -10.51 -1.80
C LEU A 16 2.04 -9.90 -3.17
N CYS A 17 2.20 -8.58 -3.26
CA CYS A 17 1.94 -7.87 -4.50
C CYS A 17 3.23 -7.32 -5.11
N ASP A 18 4.34 -7.56 -4.41
CA ASP A 18 5.67 -7.10 -4.86
C ASP A 18 5.69 -5.60 -5.10
N ARG A 19 4.88 -4.88 -4.33
CA ARG A 19 4.78 -3.43 -4.48
C ARG A 19 4.13 -2.84 -3.24
N ALA A 20 4.34 -1.55 -3.04
CA ALA A 20 3.73 -0.86 -1.92
C ALA A 20 2.59 0.01 -2.39
N TYR A 21 1.75 0.42 -1.46
CA TYR A 21 0.60 1.26 -1.76
C TYR A 21 0.63 2.49 -0.87
N PRO A 22 -0.08 3.57 -1.26
CA PRO A 22 -0.22 4.78 -0.44
C PRO A 22 -1.04 4.52 0.82
N SER A 23 -1.54 3.30 0.94
CA SER A 23 -2.27 2.85 2.10
C SER A 23 -2.13 1.33 2.21
N ASP A 24 -3.05 0.67 2.91
CA ASP A 24 -3.05 -0.79 3.00
C ASP A 24 -3.30 -1.37 1.62
N CYS A 25 -2.87 -2.60 1.39
CA CYS A 25 -3.13 -3.28 0.13
C CYS A 25 -4.64 -3.48 -0.06
N PRO A 26 -5.18 -3.12 -1.23
CA PRO A 26 -6.62 -3.21 -1.52
C PRO A 26 -7.14 -4.65 -1.49
N GLU A 27 -6.22 -5.60 -1.44
CA GLU A 27 -6.60 -7.01 -1.38
C GLU A 27 -6.12 -7.63 -0.07
N HIS A 28 -4.81 -7.57 0.16
CA HIS A 28 -4.19 -8.23 1.30
C HIS A 28 -4.27 -7.39 2.57
N GLY A 29 -4.58 -6.11 2.41
CA GLY A 29 -4.64 -5.21 3.55
C GLY A 29 -3.25 -4.88 4.07
N PRO A 30 -3.13 -4.59 5.39
CA PRO A 30 -1.83 -4.37 6.03
C PRO A 30 -0.97 -5.62 6.04
N VAL A 31 0.33 -5.44 6.22
CA VAL A 31 1.27 -6.56 6.21
C VAL A 31 1.93 -6.69 7.57
N THR A 32 1.56 -7.74 8.29
CA THR A 32 2.08 -7.96 9.63
C THR A 32 3.34 -8.82 9.61
N PHE A 33 3.49 -9.62 8.56
CA PHE A 33 4.63 -10.52 8.45
C PHE A 33 4.89 -10.86 6.98
N VAL A 34 6.09 -11.35 6.71
CA VAL A 34 6.40 -11.88 5.39
C VAL A 34 6.31 -13.40 5.41
N PRO A 35 5.59 -14.00 4.45
CA PRO A 35 5.38 -15.45 4.39
C PRO A 35 6.60 -16.20 3.86
N ASP A 36 7.77 -15.83 4.34
CA ASP A 36 9.00 -16.48 3.93
C ASP A 36 9.42 -17.49 4.97
N THR A 37 9.20 -18.76 4.67
CA THR A 37 9.54 -19.84 5.58
C THR A 37 10.96 -20.35 5.33
N PRO A 38 11.86 -20.17 6.30
CA PRO A 38 13.26 -20.60 6.18
C PRO A 38 13.38 -22.11 6.31
N ILE A 39 14.21 -22.70 5.47
CA ILE A 39 14.43 -24.14 5.48
C ILE A 39 15.87 -24.47 5.10
N GLY A 1 0.45 11.74 -9.80
CA GLY A 1 1.46 12.78 -10.08
C GLY A 1 2.19 13.20 -8.83
N SER A 2 3.00 14.24 -8.92
CA SER A 2 3.75 14.75 -7.78
C SER A 2 2.94 15.83 -7.06
N LYS A 3 1.74 16.08 -7.56
CA LYS A 3 0.86 17.09 -6.97
C LYS A 3 -0.57 16.55 -6.91
N GLU A 4 -1.29 16.88 -5.84
CA GLU A 4 -2.68 16.48 -5.65
C GLU A 4 -2.80 14.99 -5.31
N ASN A 5 -2.58 14.13 -6.29
CA ASN A 5 -2.71 12.70 -6.08
C ASN A 5 -1.36 12.00 -6.15
N MET A 6 -0.82 11.68 -4.99
CA MET A 6 0.46 11.00 -4.91
C MET A 6 0.24 9.53 -4.55
N ALA A 7 0.09 8.70 -5.58
CA ALA A 7 -0.15 7.28 -5.38
C ALA A 7 1.16 6.51 -5.32
N THR A 8 2.26 7.20 -5.60
CA THR A 8 3.57 6.59 -5.56
C THR A 8 4.21 6.72 -4.18
N LEU A 9 3.39 7.07 -3.20
CA LEU A 9 3.84 7.09 -1.80
C LEU A 9 3.90 5.67 -1.28
N PHE A 10 5.01 5.00 -1.54
CA PHE A 10 5.16 3.60 -1.23
C PHE A 10 5.48 3.39 0.24
N THR A 11 4.44 3.40 1.07
CA THR A 11 4.61 3.21 2.49
C THR A 11 4.25 1.78 2.89
N ILE A 12 3.06 1.35 2.49
CA ILE A 12 2.61 -0.01 2.78
C ILE A 12 3.08 -0.96 1.69
N TRP A 13 4.22 -1.58 1.90
CA TRP A 13 4.77 -2.50 0.92
C TRP A 13 4.15 -3.87 1.09
N CYS A 14 3.26 -4.23 0.17
CA CYS A 14 2.67 -5.54 0.19
C CYS A 14 3.61 -6.53 -0.50
N THR A 15 4.26 -7.36 0.31
CA THR A 15 5.21 -8.34 -0.21
C THR A 15 4.52 -9.32 -1.16
N LEU A 16 3.26 -9.66 -0.84
CA LEU A 16 2.49 -10.57 -1.67
C LEU A 16 2.26 -10.00 -3.05
N CYS A 17 2.27 -8.68 -3.15
CA CYS A 17 2.05 -8.00 -4.42
C CYS A 17 3.34 -7.44 -5.00
N ASP A 18 4.42 -7.56 -4.21
CA ASP A 18 5.74 -7.04 -4.58
C ASP A 18 5.68 -5.57 -4.94
N ARG A 19 4.70 -4.87 -4.38
CA ARG A 19 4.50 -3.46 -4.67
C ARG A 19 3.84 -2.80 -3.46
N ALA A 20 4.04 -1.51 -3.32
CA ALA A 20 3.54 -0.78 -2.18
C ALA A 20 2.41 0.15 -2.56
N TYR A 21 1.63 0.52 -1.57
CA TYR A 21 0.52 1.44 -1.76
C TYR A 21 0.57 2.52 -0.69
N PRO A 22 -0.08 3.68 -0.92
CA PRO A 22 -0.14 4.76 0.06
C PRO A 22 -0.80 4.32 1.37
N SER A 23 -1.62 3.29 1.27
CA SER A 23 -2.28 2.71 2.41
C SER A 23 -2.32 1.19 2.27
N ASP A 24 -3.09 0.52 3.12
CA ASP A 24 -3.20 -0.94 3.09
C ASP A 24 -3.47 -1.46 1.68
N CYS A 25 -2.80 -2.55 1.31
CA CYS A 25 -3.03 -3.18 0.02
C CYS A 25 -4.51 -3.52 -0.14
N PRO A 26 -5.13 -3.05 -1.23
CA PRO A 26 -6.56 -3.23 -1.46
C PRO A 26 -6.95 -4.69 -1.73
N GLU A 27 -5.94 -5.56 -1.83
CA GLU A 27 -6.18 -6.96 -2.09
C GLU A 27 -5.78 -7.82 -0.89
N HIS A 28 -5.20 -7.19 0.12
CA HIS A 28 -4.59 -7.95 1.22
C HIS A 28 -4.81 -7.30 2.59
N GLY A 29 -4.53 -6.01 2.70
CA GLY A 29 -4.55 -5.38 4.00
C GLY A 29 -3.56 -6.04 4.94
N PRO A 30 -2.25 -5.78 4.76
CA PRO A 30 -1.19 -6.46 5.50
C PRO A 30 -1.10 -6.01 6.94
N VAL A 31 -1.48 -6.90 7.87
CA VAL A 31 -1.33 -6.62 9.28
C VAL A 31 0.08 -6.96 9.75
N THR A 32 1.06 -6.30 9.15
CA THR A 32 2.45 -6.51 9.49
C THR A 32 2.73 -5.98 10.89
N PHE A 33 2.18 -4.81 11.18
CA PHE A 33 2.20 -4.25 12.51
C PHE A 33 0.81 -4.36 13.11
N VAL A 34 0.73 -4.41 14.43
CA VAL A 34 -0.55 -4.51 15.10
C VAL A 34 -0.92 -3.17 15.75
N PRO A 35 -1.85 -2.42 15.13
CA PRO A 35 -2.33 -1.16 15.70
C PRO A 35 -3.18 -1.39 16.94
N ASP A 36 -2.76 -0.83 18.06
CA ASP A 36 -3.42 -1.09 19.32
C ASP A 36 -4.42 0.02 19.65
N THR A 37 -4.93 0.03 20.86
CA THR A 37 -5.88 1.03 21.30
C THR A 37 -5.19 2.34 21.63
N PRO A 38 -5.74 3.46 21.13
CA PRO A 38 -5.18 4.80 21.37
C PRO A 38 -5.51 5.33 22.77
N ILE A 39 -5.12 4.55 23.78
CA ILE A 39 -5.38 4.92 25.17
C ILE A 39 -4.28 4.35 26.07
N GLY A 1 20.32 12.48 -4.07
CA GLY A 1 20.51 12.73 -5.51
C GLY A 1 19.27 12.42 -6.31
N SER A 2 19.42 11.52 -7.29
CA SER A 2 18.32 11.09 -8.15
C SER A 2 17.81 12.24 -9.02
N LYS A 3 16.87 11.94 -9.90
CA LYS A 3 16.28 12.94 -10.78
C LYS A 3 14.83 12.56 -11.07
N GLU A 4 14.21 11.93 -10.09
CA GLU A 4 12.86 11.42 -10.24
C GLU A 4 11.88 12.19 -9.37
N ASN A 5 11.28 13.22 -9.95
CA ASN A 5 10.27 14.00 -9.25
C ASN A 5 8.91 13.33 -9.41
N MET A 6 8.61 12.43 -8.49
CA MET A 6 7.37 11.67 -8.54
C MET A 6 6.66 11.72 -7.20
N ALA A 7 5.34 11.69 -7.24
CA ALA A 7 4.54 11.64 -6.02
C ALA A 7 4.55 10.22 -5.46
N THR A 8 5.67 9.86 -4.86
CA THR A 8 5.87 8.53 -4.35
C THR A 8 5.26 8.36 -2.95
N LEU A 9 4.01 7.91 -2.91
CA LEU A 9 3.35 7.61 -1.64
C LEU A 9 3.41 6.12 -1.37
N PHE A 10 4.40 5.47 -1.95
CA PHE A 10 4.60 4.04 -1.80
C PHE A 10 5.11 3.71 -0.41
N THR A 11 4.21 3.50 0.53
CA THR A 11 4.58 3.33 1.93
C THR A 11 4.45 1.88 2.38
N ILE A 12 3.21 1.39 2.45
CA ILE A 12 2.96 0.05 2.94
C ILE A 12 3.26 -0.98 1.86
N TRP A 13 4.34 -1.73 2.06
CA TRP A 13 4.82 -2.67 1.07
C TRP A 13 4.08 -3.99 1.16
N CYS A 14 3.19 -4.23 0.22
CA CYS A 14 2.51 -5.51 0.12
C CYS A 14 3.45 -6.50 -0.54
N THR A 15 4.00 -7.41 0.25
CA THR A 15 4.93 -8.41 -0.25
C THR A 15 4.26 -9.31 -1.28
N LEU A 16 2.96 -9.53 -1.11
CA LEU A 16 2.18 -10.35 -2.02
C LEU A 16 2.05 -9.68 -3.39
N CYS A 17 2.25 -8.37 -3.42
CA CYS A 17 2.19 -7.61 -4.66
C CYS A 17 3.58 -7.14 -5.07
N ASP A 18 4.55 -7.38 -4.20
CA ASP A 18 5.95 -6.99 -4.39
C ASP A 18 6.05 -5.50 -4.67
N ARG A 19 5.15 -4.73 -4.08
CA ARG A 19 5.09 -3.30 -4.30
C ARG A 19 4.42 -2.62 -3.12
N ALA A 20 4.63 -1.33 -2.97
CA ALA A 20 4.05 -0.59 -1.86
C ALA A 20 2.88 0.26 -2.31
N TYR A 21 1.95 0.45 -1.40
CA TYR A 21 0.75 1.23 -1.67
C TYR A 21 0.72 2.45 -0.76
N PRO A 22 -0.08 3.47 -1.12
CA PRO A 22 -0.29 4.66 -0.28
C PRO A 22 -1.00 4.33 1.02
N SER A 23 -1.50 3.11 1.10
CA SER A 23 -2.16 2.62 2.30
C SER A 23 -2.11 1.09 2.28
N ASP A 24 -2.98 0.45 3.04
CA ASP A 24 -3.07 -1.01 3.03
C ASP A 24 -3.51 -1.49 1.65
N CYS A 25 -2.92 -2.57 1.19
CA CYS A 25 -3.26 -3.14 -0.11
C CYS A 25 -4.72 -3.58 -0.11
N PRO A 26 -5.51 -3.12 -1.09
CA PRO A 26 -6.96 -3.38 -1.15
C PRO A 26 -7.34 -4.82 -0.78
N GLU A 27 -6.77 -5.79 -1.49
CA GLU A 27 -7.09 -7.19 -1.25
C GLU A 27 -6.35 -7.75 -0.04
N HIS A 28 -5.05 -7.49 0.03
CA HIS A 28 -4.17 -8.21 0.95
C HIS A 28 -4.01 -7.51 2.29
N GLY A 29 -4.41 -6.26 2.36
CA GLY A 29 -4.24 -5.49 3.57
C GLY A 29 -5.25 -5.85 4.63
N PRO A 30 -6.43 -5.21 4.62
CA PRO A 30 -7.47 -5.45 5.61
C PRO A 30 -8.31 -6.69 5.30
N VAL A 31 -7.72 -7.84 5.57
CA VAL A 31 -8.40 -9.11 5.35
C VAL A 31 -9.37 -9.39 6.48
N THR A 32 -9.21 -8.64 7.54
CA THR A 32 -10.09 -8.72 8.70
C THR A 32 -11.39 -7.96 8.43
N PHE A 33 -11.30 -7.00 7.52
CA PHE A 33 -12.44 -6.20 7.14
C PHE A 33 -13.35 -7.02 6.23
N VAL A 34 -14.65 -6.80 6.33
CA VAL A 34 -15.59 -7.49 5.47
C VAL A 34 -16.16 -6.53 4.41
N PRO A 35 -15.67 -6.64 3.17
CA PRO A 35 -16.12 -5.80 2.07
C PRO A 35 -17.43 -6.28 1.46
N ASP A 36 -18.39 -5.38 1.36
CA ASP A 36 -19.67 -5.71 0.74
C ASP A 36 -19.49 -5.84 -0.76
N THR A 37 -18.62 -5.00 -1.29
CA THR A 37 -18.24 -5.08 -2.69
C THR A 37 -16.87 -5.72 -2.82
N PRO A 38 -16.80 -6.89 -3.49
CA PRO A 38 -15.53 -7.64 -3.65
C PRO A 38 -14.47 -6.83 -4.38
N ILE A 39 -13.22 -7.03 -3.99
CA ILE A 39 -12.11 -6.34 -4.62
C ILE A 39 -11.57 -7.18 -5.77
N GLY A 1 -8.51 20.27 -4.86
CA GLY A 1 -8.52 18.79 -4.95
C GLY A 1 -7.76 18.14 -3.82
N SER A 2 -7.88 16.82 -3.72
CA SER A 2 -7.24 16.06 -2.64
C SER A 2 -7.71 16.58 -1.28
N LYS A 3 -8.98 16.31 -0.96
CA LYS A 3 -9.57 16.79 0.28
C LYS A 3 -8.84 16.24 1.50
N GLU A 4 -9.03 14.95 1.76
CA GLU A 4 -8.43 14.32 2.92
C GLU A 4 -7.38 13.31 2.50
N ASN A 5 -6.54 13.72 1.57
CA ASN A 5 -5.47 12.87 1.06
C ASN A 5 -4.27 12.92 1.99
N MET A 6 -4.26 12.07 3.00
CA MET A 6 -3.17 12.04 3.97
C MET A 6 -2.34 10.78 3.81
N ALA A 7 -2.75 9.93 2.88
CA ALA A 7 -2.06 8.66 2.63
C ALA A 7 -0.63 8.91 2.18
N THR A 8 0.32 8.35 2.92
CA THR A 8 1.73 8.48 2.60
C THR A 8 2.05 7.73 1.31
N LEU A 9 2.60 8.46 0.34
CA LEU A 9 2.81 7.95 -1.02
C LEU A 9 3.73 6.73 -1.01
N PHE A 10 3.14 5.55 -1.22
CA PHE A 10 3.87 4.28 -1.35
C PHE A 10 4.74 4.00 -0.13
N THR A 11 4.11 3.52 0.93
CA THR A 11 4.82 3.23 2.16
C THR A 11 4.56 1.81 2.62
N ILE A 12 3.34 1.35 2.47
CA ILE A 12 2.97 0.00 2.88
C ILE A 12 3.30 -0.99 1.77
N TRP A 13 4.37 -1.74 1.97
CA TRP A 13 4.84 -2.68 0.99
C TRP A 13 4.08 -4.00 1.11
N CYS A 14 3.19 -4.25 0.16
CA CYS A 14 2.52 -5.53 0.12
C CYS A 14 3.45 -6.55 -0.51
N THR A 15 4.02 -7.40 0.33
CA THR A 15 4.95 -8.43 -0.11
C THR A 15 4.30 -9.37 -1.12
N LEU A 16 2.98 -9.54 -0.97
CA LEU A 16 2.22 -10.41 -1.85
C LEU A 16 1.98 -9.76 -3.21
N CYS A 17 2.27 -8.48 -3.31
CA CYS A 17 2.14 -7.76 -4.58
C CYS A 17 3.49 -7.26 -5.08
N ASP A 18 4.51 -7.37 -4.23
CA ASP A 18 5.87 -6.94 -4.56
C ASP A 18 5.90 -5.45 -4.91
N ARG A 19 5.07 -4.68 -4.23
CA ARG A 19 4.96 -3.25 -4.51
C ARG A 19 4.39 -2.52 -3.31
N ALA A 20 4.62 -1.22 -3.24
CA ALA A 20 4.17 -0.42 -2.12
C ALA A 20 2.86 0.29 -2.45
N TYR A 21 2.06 0.52 -1.42
CA TYR A 21 0.82 1.25 -1.55
C TYR A 21 0.82 2.43 -0.58
N PRO A 22 0.13 3.53 -0.93
CA PRO A 22 -0.03 4.68 -0.04
C PRO A 22 -0.92 4.34 1.15
N SER A 23 -1.68 3.27 1.02
CA SER A 23 -2.49 2.75 2.11
C SER A 23 -2.33 1.23 2.16
N ASP A 24 -3.24 0.54 2.84
CA ASP A 24 -3.18 -0.92 2.90
C ASP A 24 -3.61 -1.50 1.56
N CYS A 25 -3.00 -2.61 1.18
CA CYS A 25 -3.32 -3.26 -0.07
C CYS A 25 -4.79 -3.67 -0.07
N PRO A 26 -5.55 -3.22 -1.08
CA PRO A 26 -7.00 -3.39 -1.13
C PRO A 26 -7.46 -4.85 -1.16
N GLU A 27 -6.52 -5.77 -1.38
CA GLU A 27 -6.85 -7.17 -1.50
C GLU A 27 -6.04 -8.04 -0.54
N HIS A 28 -5.15 -7.43 0.24
CA HIS A 28 -4.25 -8.21 1.10
C HIS A 28 -4.08 -7.59 2.48
N GLY A 29 -4.32 -6.28 2.58
CA GLY A 29 -4.07 -5.60 3.83
C GLY A 29 -5.30 -5.46 4.69
N PRO A 30 -5.16 -4.88 5.89
CA PRO A 30 -6.29 -4.66 6.81
C PRO A 30 -7.26 -3.59 6.34
N VAL A 31 -7.89 -3.88 5.21
CA VAL A 31 -8.94 -3.05 4.65
C VAL A 31 -10.01 -3.96 4.07
N THR A 32 -9.83 -5.25 4.32
CA THR A 32 -10.71 -6.29 3.84
C THR A 32 -10.40 -7.58 4.60
N PHE A 33 -11.43 -8.40 4.85
CA PHE A 33 -11.34 -9.65 5.63
C PHE A 33 -10.56 -9.45 6.94
N VAL A 34 -10.19 -10.55 7.58
CA VAL A 34 -9.39 -10.48 8.78
C VAL A 34 -7.96 -10.98 8.50
N PRO A 35 -6.99 -10.05 8.51
CA PRO A 35 -5.60 -10.37 8.23
C PRO A 35 -4.86 -10.88 9.46
N ASP A 36 -5.35 -11.98 10.03
CA ASP A 36 -4.72 -12.58 11.21
C ASP A 36 -3.64 -13.56 10.79
N THR A 37 -3.33 -13.53 9.49
CA THR A 37 -2.31 -14.40 8.93
C THR A 37 -0.95 -14.12 9.56
N PRO A 38 -0.23 -15.17 10.02
CA PRO A 38 1.09 -15.02 10.63
C PRO A 38 2.17 -14.66 9.60
N ILE A 39 2.10 -13.44 9.07
CA ILE A 39 3.12 -12.95 8.15
C ILE A 39 2.99 -11.43 8.00
N GLY A 1 15.26 16.17 -17.63
CA GLY A 1 14.44 16.44 -16.43
C GLY A 1 13.34 15.44 -16.24
N SER A 2 12.31 15.82 -15.50
CA SER A 2 11.15 14.98 -15.24
C SER A 2 11.58 13.66 -14.59
N LYS A 3 12.31 13.76 -13.48
CA LYS A 3 12.81 12.58 -12.80
C LYS A 3 12.91 12.82 -11.29
N GLU A 4 11.91 13.49 -10.73
CA GLU A 4 11.91 13.79 -9.31
C GLU A 4 10.93 12.90 -8.55
N ASN A 5 11.47 11.88 -7.90
CA ASN A 5 10.65 11.00 -7.07
C ASN A 5 10.43 11.63 -5.71
N MET A 6 9.48 12.53 -5.63
CA MET A 6 9.21 13.27 -4.40
C MET A 6 7.93 12.79 -3.74
N ALA A 7 6.84 12.79 -4.49
CA ALA A 7 5.56 12.33 -3.97
C ALA A 7 5.47 10.81 -4.03
N THR A 8 6.39 10.16 -3.33
CA THR A 8 6.43 8.72 -3.29
C THR A 8 5.42 8.18 -2.29
N LEU A 9 4.14 8.28 -2.64
CA LEU A 9 3.06 7.82 -1.77
C LEU A 9 2.93 6.30 -1.86
N PHE A 10 4.03 5.63 -1.54
CA PHE A 10 4.08 4.18 -1.51
C PHE A 10 4.80 3.75 -0.25
N THR A 11 4.04 3.58 0.81
CA THR A 11 4.60 3.38 2.12
C THR A 11 4.47 1.93 2.59
N ILE A 12 3.23 1.46 2.64
CA ILE A 12 2.96 0.11 3.09
C ILE A 12 3.24 -0.89 1.98
N TRP A 13 4.33 -1.63 2.15
CA TRP A 13 4.77 -2.59 1.16
C TRP A 13 3.92 -3.86 1.24
N CYS A 14 3.10 -4.07 0.23
CA CYS A 14 2.37 -5.32 0.12
C CYS A 14 3.29 -6.37 -0.48
N THR A 15 3.75 -7.28 0.35
CA THR A 15 4.68 -8.31 -0.07
C THR A 15 4.04 -9.21 -1.14
N LEU A 16 2.72 -9.38 -1.06
CA LEU A 16 1.99 -10.20 -2.01
C LEU A 16 1.90 -9.53 -3.37
N CYS A 17 2.09 -8.21 -3.40
CA CYS A 17 2.11 -7.46 -4.64
C CYS A 17 3.55 -7.19 -5.09
N ASP A 18 4.48 -7.44 -4.17
CA ASP A 18 5.91 -7.15 -4.36
C ASP A 18 6.11 -5.67 -4.69
N ARG A 19 5.21 -4.84 -4.17
CA ARG A 19 5.27 -3.41 -4.38
C ARG A 19 4.45 -2.71 -3.31
N ALA A 20 4.73 -1.45 -3.08
CA ALA A 20 4.10 -0.71 -2.00
C ALA A 20 2.85 -0.01 -2.48
N TYR A 21 2.01 0.34 -1.52
CA TYR A 21 0.76 1.03 -1.77
C TYR A 21 0.68 2.30 -0.93
N PRO A 22 -0.17 3.26 -1.33
CA PRO A 22 -0.38 4.51 -0.58
C PRO A 22 -1.11 4.28 0.74
N SER A 23 -1.43 3.02 1.01
CA SER A 23 -2.11 2.61 2.22
C SER A 23 -2.06 1.10 2.29
N ASP A 24 -2.86 0.48 3.15
CA ASP A 24 -2.95 -0.97 3.18
C ASP A 24 -3.50 -1.46 1.84
N CYS A 25 -2.94 -2.55 1.34
CA CYS A 25 -3.38 -3.08 0.06
C CYS A 25 -4.83 -3.52 0.15
N PRO A 26 -5.67 -3.02 -0.78
CA PRO A 26 -7.13 -3.25 -0.75
C PRO A 26 -7.50 -4.72 -0.96
N GLU A 27 -6.52 -5.55 -1.24
CA GLU A 27 -6.79 -6.96 -1.49
C GLU A 27 -5.99 -7.85 -0.53
N HIS A 28 -4.81 -7.43 -0.14
CA HIS A 28 -3.91 -8.27 0.64
C HIS A 28 -3.61 -7.68 2.01
N GLY A 29 -4.16 -6.51 2.27
CA GLY A 29 -3.92 -5.85 3.54
C GLY A 29 -5.09 -6.02 4.49
N PRO A 30 -5.02 -5.40 5.68
CA PRO A 30 -6.14 -5.37 6.62
C PRO A 30 -7.27 -4.50 6.11
N VAL A 31 -8.07 -5.07 5.21
CA VAL A 31 -9.16 -4.35 4.58
C VAL A 31 -10.31 -4.16 5.54
N THR A 32 -10.28 -3.05 6.28
CA THR A 32 -11.34 -2.75 7.22
C THR A 32 -12.47 -2.00 6.51
N PHE A 33 -13.67 -2.55 6.57
CA PHE A 33 -14.82 -1.92 5.94
C PHE A 33 -15.16 -0.61 6.65
N VAL A 34 -15.70 0.33 5.90
CA VAL A 34 -16.03 1.64 6.45
C VAL A 34 -17.54 1.81 6.57
N PRO A 35 -18.09 1.55 7.77
CA PRO A 35 -19.53 1.72 8.00
C PRO A 35 -19.92 3.19 8.06
N ASP A 36 -18.94 4.00 8.48
CA ASP A 36 -19.06 5.46 8.53
C ASP A 36 -20.21 5.91 9.44
N THR A 37 -21.38 6.10 8.86
CA THR A 37 -22.53 6.59 9.60
C THR A 37 -23.81 5.96 9.06
N PRO A 38 -24.77 5.63 9.95
CA PRO A 38 -26.04 5.00 9.56
C PRO A 38 -26.98 5.97 8.87
N ILE A 39 -26.70 7.27 9.00
CA ILE A 39 -27.52 8.29 8.38
C ILE A 39 -26.67 9.14 7.45
N GLY A 1 10.74 11.81 -15.86
CA GLY A 1 11.78 11.75 -14.82
C GLY A 1 11.20 12.05 -13.45
N SER A 2 12.03 11.98 -12.43
CA SER A 2 11.59 12.24 -11.07
C SER A 2 12.03 13.63 -10.61
N LYS A 3 11.92 14.60 -11.52
CA LYS A 3 12.23 15.98 -11.19
C LYS A 3 10.95 16.79 -11.05
N GLU A 4 10.81 17.49 -9.94
CA GLU A 4 9.63 18.30 -9.64
C GLU A 4 8.39 17.40 -9.50
N ASN A 5 8.63 16.15 -9.16
CA ASN A 5 7.55 15.20 -8.91
C ASN A 5 8.10 14.04 -8.09
N MET A 6 7.20 13.21 -7.58
CA MET A 6 7.60 12.05 -6.79
C MET A 6 7.43 10.78 -7.59
N ALA A 7 8.44 9.93 -7.57
CA ALA A 7 8.43 8.69 -8.32
C ALA A 7 7.63 7.63 -7.58
N THR A 8 6.31 7.83 -7.53
CA THR A 8 5.39 6.93 -6.86
C THR A 8 5.86 6.60 -5.44
N LEU A 9 5.69 7.54 -4.54
CA LEU A 9 6.08 7.36 -3.14
C LEU A 9 5.03 6.54 -2.41
N PHE A 10 5.30 5.26 -2.24
CA PHE A 10 4.41 4.36 -1.55
C PHE A 10 5.00 3.98 -0.20
N THR A 11 4.15 3.66 0.76
CA THR A 11 4.61 3.42 2.12
C THR A 11 4.47 1.97 2.54
N ILE A 12 3.24 1.49 2.62
CA ILE A 12 2.98 0.13 3.07
C ILE A 12 3.26 -0.86 1.95
N TRP A 13 4.38 -1.54 2.06
CA TRP A 13 4.81 -2.49 1.05
C TRP A 13 4.09 -3.81 1.20
N CYS A 14 3.30 -4.18 0.20
CA CYS A 14 2.67 -5.48 0.20
C CYS A 14 3.60 -6.47 -0.49
N THR A 15 4.17 -7.36 0.30
CA THR A 15 5.10 -8.36 -0.20
C THR A 15 4.41 -9.30 -1.20
N LEU A 16 3.14 -9.60 -0.95
CA LEU A 16 2.37 -10.46 -1.83
C LEU A 16 2.13 -9.79 -3.19
N CYS A 17 2.20 -8.47 -3.21
CA CYS A 17 2.01 -7.70 -4.44
C CYS A 17 3.34 -7.31 -5.06
N ASP A 18 4.42 -7.47 -4.30
CA ASP A 18 5.75 -7.07 -4.72
C ASP A 18 5.80 -5.57 -5.02
N ARG A 19 4.96 -4.83 -4.32
CA ARG A 19 4.86 -3.39 -4.49
C ARG A 19 4.14 -2.77 -3.31
N ALA A 20 4.35 -1.50 -3.08
CA ALA A 20 3.75 -0.81 -1.96
C ALA A 20 2.59 0.05 -2.41
N TYR A 21 1.79 0.48 -1.46
CA TYR A 21 0.63 1.33 -1.74
C TYR A 21 0.64 2.54 -0.82
N PRO A 22 -0.13 3.60 -1.16
CA PRO A 22 -0.27 4.78 -0.30
C PRO A 22 -0.87 4.42 1.06
N SER A 23 -1.57 3.30 1.09
CA SER A 23 -2.15 2.78 2.31
C SER A 23 -1.96 1.26 2.32
N ASP A 24 -2.79 0.54 3.07
CA ASP A 24 -2.71 -0.92 3.10
C ASP A 24 -3.06 -1.49 1.74
N CYS A 25 -2.81 -2.78 1.54
CA CYS A 25 -3.12 -3.42 0.28
C CYS A 25 -4.63 -3.57 0.13
N PRO A 26 -5.19 -3.11 -1.00
CA PRO A 26 -6.64 -3.14 -1.25
C PRO A 26 -7.19 -4.56 -1.37
N GLU A 27 -6.29 -5.54 -1.46
CA GLU A 27 -6.69 -6.94 -1.56
C GLU A 27 -6.21 -7.73 -0.34
N HIS A 28 -4.91 -7.63 -0.08
CA HIS A 28 -4.28 -8.46 0.95
C HIS A 28 -4.24 -7.74 2.30
N GLY A 29 -4.76 -6.52 2.32
CA GLY A 29 -4.80 -5.76 3.56
C GLY A 29 -5.98 -6.15 4.42
N PRO A 30 -6.41 -5.27 5.33
CA PRO A 30 -7.52 -5.56 6.23
C PRO A 30 -8.88 -5.27 5.59
N VAL A 31 -8.83 -5.09 4.29
CA VAL A 31 -10.02 -4.79 3.48
C VAL A 31 -10.71 -3.53 3.97
N THR A 32 -10.15 -2.39 3.63
CA THR A 32 -10.73 -1.11 4.00
C THR A 32 -11.98 -0.84 3.18
N PHE A 33 -12.99 -0.27 3.82
CA PHE A 33 -14.27 -0.05 3.16
C PHE A 33 -14.18 1.09 2.16
N VAL A 34 -14.08 0.72 0.89
CA VAL A 34 -14.14 1.69 -0.19
C VAL A 34 -15.38 1.42 -1.05
N PRO A 35 -16.31 2.40 -1.12
CA PRO A 35 -17.57 2.25 -1.86
C PRO A 35 -17.36 1.93 -3.33
N ASP A 36 -18.36 1.26 -3.91
CA ASP A 36 -18.38 0.89 -5.32
C ASP A 36 -17.25 -0.09 -5.65
N THR A 37 -17.20 -1.18 -4.90
CA THR A 37 -16.23 -2.23 -5.18
C THR A 37 -16.91 -3.60 -5.20
N PRO A 38 -17.08 -4.18 -6.40
CA PRO A 38 -17.68 -5.51 -6.57
C PRO A 38 -16.73 -6.63 -6.14
N ILE A 39 -16.11 -6.47 -4.99
CA ILE A 39 -15.19 -7.45 -4.45
C ILE A 39 -15.94 -8.58 -3.74
N GLY A 1 20.38 15.55 -3.90
CA GLY A 1 19.55 14.85 -4.91
C GLY A 1 19.07 13.51 -4.41
N SER A 2 18.10 12.92 -5.11
CA SER A 2 17.56 11.64 -4.72
C SER A 2 18.52 10.51 -5.10
N LYS A 3 18.92 9.73 -4.09
CA LYS A 3 19.86 8.64 -4.29
C LYS A 3 19.11 7.31 -4.43
N GLU A 4 17.82 7.39 -4.66
CA GLU A 4 16.99 6.21 -4.83
C GLU A 4 17.16 5.63 -6.24
N ASN A 5 18.23 4.87 -6.42
CA ASN A 5 18.52 4.25 -7.69
C ASN A 5 17.68 2.99 -7.89
N MET A 6 16.99 2.94 -9.04
CA MET A 6 16.21 1.76 -9.44
C MET A 6 15.00 1.54 -8.53
N ALA A 7 15.24 0.93 -7.38
CA ALA A 7 14.16 0.59 -6.47
C ALA A 7 13.89 1.73 -5.49
N THR A 8 12.62 2.04 -5.30
CA THR A 8 12.21 3.06 -4.35
C THR A 8 11.23 2.47 -3.35
N LEU A 9 11.42 2.78 -2.07
CA LEU A 9 10.55 2.26 -1.03
C LEU A 9 9.39 3.20 -0.78
N PHE A 10 8.25 2.63 -0.42
CA PHE A 10 7.04 3.41 -0.16
C PHE A 10 6.61 3.20 1.29
N THR A 11 5.37 3.55 1.58
CA THR A 11 4.85 3.45 2.93
C THR A 11 4.45 2.02 3.30
N ILE A 12 3.29 1.59 2.84
CA ILE A 12 2.79 0.27 3.15
C ILE A 12 3.09 -0.69 2.00
N TRP A 13 4.08 -1.54 2.22
CA TRP A 13 4.55 -2.45 1.19
C TRP A 13 3.79 -3.77 1.23
N CYS A 14 3.06 -4.06 0.18
CA CYS A 14 2.45 -5.38 0.05
C CYS A 14 3.44 -6.34 -0.57
N THR A 15 4.07 -7.15 0.27
CA THR A 15 5.09 -8.08 -0.18
C THR A 15 4.50 -9.10 -1.15
N LEU A 16 3.22 -9.42 -0.97
CA LEU A 16 2.51 -10.35 -1.85
C LEU A 16 2.39 -9.79 -3.26
N CYS A 17 2.28 -8.47 -3.36
CA CYS A 17 2.17 -7.81 -4.66
C CYS A 17 3.54 -7.38 -5.17
N ASP A 18 4.55 -7.51 -4.32
CA ASP A 18 5.94 -7.15 -4.67
C ASP A 18 6.06 -5.66 -4.97
N ARG A 19 5.02 -4.92 -4.62
CA ARG A 19 5.01 -3.47 -4.78
C ARG A 19 4.13 -2.88 -3.70
N ALA A 20 4.33 -1.61 -3.39
CA ALA A 20 3.69 -0.99 -2.25
C ALA A 20 2.53 -0.09 -2.66
N TYR A 21 1.75 0.32 -1.67
CA TYR A 21 0.64 1.22 -1.86
C TYR A 21 0.74 2.36 -0.86
N PRO A 22 0.11 3.51 -1.12
CA PRO A 22 0.03 4.60 -0.15
C PRO A 22 -0.61 4.13 1.16
N SER A 23 -1.62 3.28 1.04
CA SER A 23 -2.28 2.69 2.18
C SER A 23 -2.21 1.16 2.09
N ASP A 24 -2.98 0.46 2.91
CA ASP A 24 -3.00 -1.00 2.88
C ASP A 24 -3.49 -1.49 1.52
N CYS A 25 -2.98 -2.64 1.10
CA CYS A 25 -3.35 -3.23 -0.18
C CYS A 25 -4.83 -3.63 -0.14
N PRO A 26 -5.61 -3.19 -1.14
CA PRO A 26 -7.08 -3.34 -1.15
C PRO A 26 -7.56 -4.79 -1.11
N GLU A 27 -6.66 -5.74 -1.29
CA GLU A 27 -7.02 -7.15 -1.27
C GLU A 27 -6.19 -7.95 -0.26
N HIS A 28 -5.07 -7.39 0.17
CA HIS A 28 -4.14 -8.14 1.01
C HIS A 28 -3.99 -7.50 2.39
N GLY A 29 -4.29 -6.21 2.50
CA GLY A 29 -4.23 -5.54 3.77
C GLY A 29 -5.45 -5.85 4.60
N PRO A 30 -6.58 -5.16 4.33
CA PRO A 30 -7.86 -5.50 4.91
C PRO A 30 -8.42 -6.78 4.30
N VAL A 31 -9.66 -7.11 4.64
CA VAL A 31 -10.32 -8.31 4.12
C VAL A 31 -9.55 -9.57 4.56
N THR A 32 -8.72 -9.41 5.58
CA THR A 32 -7.90 -10.48 6.10
C THR A 32 -7.82 -10.38 7.63
N PHE A 33 -8.96 -10.01 8.22
CA PHE A 33 -9.08 -9.82 9.66
C PHE A 33 -8.29 -8.61 10.13
N VAL A 34 -9.00 -7.54 10.49
CA VAL A 34 -8.36 -6.35 11.04
C VAL A 34 -8.79 -6.14 12.49
N PRO A 35 -7.84 -6.28 13.44
CA PRO A 35 -8.11 -6.13 14.87
C PRO A 35 -8.42 -4.69 15.26
N ASP A 36 -7.95 -3.76 14.44
CA ASP A 36 -8.21 -2.34 14.65
C ASP A 36 -8.68 -1.72 13.34
N THR A 37 -9.31 -0.55 13.43
CA THR A 37 -9.89 0.11 12.27
C THR A 37 -11.08 -0.71 11.75
N PRO A 38 -12.31 -0.36 12.19
CA PRO A 38 -13.52 -1.13 11.88
C PRO A 38 -13.91 -1.08 10.40
N ILE A 39 -13.30 -1.95 9.62
CA ILE A 39 -13.64 -2.09 8.22
C ILE A 39 -14.35 -3.42 8.00
N GLY A 1 20.28 2.45 -3.89
CA GLY A 1 19.64 1.72 -2.77
C GLY A 1 20.41 1.90 -1.47
N SER A 2 19.94 2.82 -0.64
CA SER A 2 20.63 3.15 0.60
C SER A 2 20.26 2.17 1.70
N LYS A 3 19.21 1.38 1.45
CA LYS A 3 18.71 0.38 2.40
C LYS A 3 18.09 1.04 3.63
N GLU A 4 17.42 0.22 4.45
CA GLU A 4 16.75 0.71 5.66
C GLU A 4 15.73 1.78 5.31
N ASN A 5 14.98 1.55 4.25
CA ASN A 5 14.00 2.50 3.76
C ASN A 5 12.74 1.78 3.31
N MET A 6 11.62 2.15 3.89
CA MET A 6 10.34 1.55 3.54
C MET A 6 9.53 2.51 2.67
N ALA A 7 9.75 3.79 2.87
CA ALA A 7 9.02 4.81 2.15
C ALA A 7 9.64 5.10 0.79
N THR A 8 9.07 4.47 -0.23
CA THR A 8 9.50 4.68 -1.61
C THR A 8 8.29 5.11 -2.43
N LEU A 9 7.94 6.40 -2.32
CA LEU A 9 6.71 6.96 -2.89
C LEU A 9 5.51 6.43 -2.10
N PHE A 10 5.32 5.13 -2.17
CA PHE A 10 4.30 4.44 -1.40
C PHE A 10 4.91 4.00 -0.08
N THR A 11 4.08 3.64 0.88
CA THR A 11 4.58 3.36 2.22
C THR A 11 4.37 1.93 2.65
N ILE A 12 3.15 1.44 2.54
CA ILE A 12 2.82 0.09 2.96
C ILE A 12 3.14 -0.90 1.85
N TRP A 13 4.25 -1.61 2.01
CA TRP A 13 4.72 -2.54 1.01
C TRP A 13 4.02 -3.88 1.14
N CYS A 14 3.22 -4.22 0.15
CA CYS A 14 2.59 -5.52 0.11
C CYS A 14 3.54 -6.52 -0.53
N THR A 15 4.09 -7.39 0.29
CA THR A 15 5.01 -8.42 -0.17
C THR A 15 4.35 -9.33 -1.20
N LEU A 16 3.07 -9.62 -0.99
CA LEU A 16 2.30 -10.46 -1.89
C LEU A 16 2.07 -9.80 -3.23
N CYS A 17 2.22 -8.48 -3.28
CA CYS A 17 2.10 -7.75 -4.53
C CYS A 17 3.46 -7.31 -5.05
N ASP A 18 4.47 -7.48 -4.20
CA ASP A 18 5.86 -7.10 -4.51
C ASP A 18 5.95 -5.62 -4.86
N ARG A 19 5.00 -4.85 -4.33
CA ARG A 19 4.96 -3.40 -4.55
C ARG A 19 4.20 -2.75 -3.40
N ALA A 20 4.45 -1.47 -3.18
CA ALA A 20 3.86 -0.77 -2.05
C ALA A 20 2.66 0.06 -2.47
N TYR A 21 1.85 0.42 -1.49
CA TYR A 21 0.65 1.23 -1.72
C TYR A 21 0.64 2.42 -0.75
N PRO A 22 -0.16 3.46 -1.02
CA PRO A 22 -0.26 4.60 -0.11
C PRO A 22 -0.78 4.16 1.27
N SER A 23 -1.82 3.35 1.23
CA SER A 23 -2.34 2.74 2.45
C SER A 23 -2.18 1.23 2.35
N ASP A 24 -2.96 0.49 3.11
CA ASP A 24 -2.90 -0.98 3.08
C ASP A 24 -3.29 -1.49 1.70
N CYS A 25 -2.79 -2.67 1.33
CA CYS A 25 -3.12 -3.26 0.05
C CYS A 25 -4.62 -3.53 -0.02
N PRO A 26 -5.26 -3.09 -1.13
CA PRO A 26 -6.71 -3.18 -1.31
C PRO A 26 -7.25 -4.59 -1.18
N GLU A 27 -6.39 -5.59 -1.39
CA GLU A 27 -6.82 -6.97 -1.36
C GLU A 27 -6.18 -7.72 -0.19
N HIS A 28 -4.87 -7.55 -0.02
CA HIS A 28 -4.12 -8.33 0.96
C HIS A 28 -4.00 -7.60 2.29
N GLY A 29 -4.35 -6.32 2.31
CA GLY A 29 -4.18 -5.52 3.51
C GLY A 29 -5.50 -5.22 4.18
N PRO A 30 -5.48 -4.90 5.49
CA PRO A 30 -6.69 -4.60 6.26
C PRO A 30 -7.25 -3.22 5.94
N VAL A 31 -7.98 -3.13 4.85
CA VAL A 31 -8.61 -1.89 4.45
C VAL A 31 -10.09 -2.09 4.17
N THR A 32 -10.91 -1.32 4.86
CA THR A 32 -12.35 -1.37 4.68
C THR A 32 -12.81 -0.23 3.79
N PHE A 33 -12.23 0.93 4.01
CA PHE A 33 -12.61 2.13 3.29
C PHE A 33 -11.35 2.94 2.94
N VAL A 34 -11.21 3.28 1.68
CA VAL A 34 -10.10 4.11 1.25
C VAL A 34 -10.60 5.52 0.90
N PRO A 35 -10.06 6.54 1.58
CA PRO A 35 -10.51 7.93 1.42
C PRO A 35 -10.11 8.51 0.06
N ASP A 36 -10.84 9.55 -0.34
CA ASP A 36 -10.59 10.23 -1.61
C ASP A 36 -10.61 11.73 -1.40
N THR A 37 -10.01 12.46 -2.33
CA THR A 37 -9.91 13.91 -2.23
C THR A 37 -10.72 14.58 -3.34
N PRO A 38 -11.57 15.55 -2.98
CA PRO A 38 -12.37 16.32 -3.94
C PRO A 38 -11.52 17.36 -4.69
N ILE A 39 -10.67 16.88 -5.57
CA ILE A 39 -9.82 17.75 -6.37
C ILE A 39 -10.34 17.88 -7.80
N GLY A 1 -7.46 16.27 -5.96
CA GLY A 1 -6.63 15.13 -6.42
C GLY A 1 -5.84 14.51 -5.28
N SER A 2 -5.20 13.38 -5.55
CA SER A 2 -4.42 12.68 -4.54
C SER A 2 -3.11 12.16 -5.13
N LYS A 3 -2.90 12.38 -6.43
CA LYS A 3 -1.72 11.86 -7.11
C LYS A 3 -0.60 12.89 -7.12
N GLU A 4 0.48 12.59 -6.43
CA GLU A 4 1.65 13.45 -6.40
C GLU A 4 2.64 13.03 -7.47
N ASN A 5 3.10 13.99 -8.25
CA ASN A 5 4.04 13.74 -9.35
C ASN A 5 5.42 13.39 -8.82
N MET A 6 5.78 13.96 -7.68
CA MET A 6 7.04 13.64 -7.02
C MET A 6 6.96 12.24 -6.43
N ALA A 7 7.94 11.40 -6.79
CA ALA A 7 7.97 10.01 -6.37
C ALA A 7 7.86 9.87 -4.85
N THR A 8 6.68 9.45 -4.40
CA THR A 8 6.43 9.27 -2.98
C THR A 8 7.01 7.95 -2.48
N LEU A 9 7.20 7.02 -3.42
CA LEU A 9 7.77 5.70 -3.14
C LEU A 9 6.80 4.87 -2.29
N PHE A 10 5.58 5.38 -2.12
CA PHE A 10 4.53 4.70 -1.35
C PHE A 10 4.98 4.45 0.08
N THR A 11 4.26 3.59 0.80
CA THR A 11 4.61 3.30 2.19
C THR A 11 4.38 1.83 2.54
N ILE A 12 3.15 1.37 2.37
CA ILE A 12 2.80 0.00 2.70
C ILE A 12 3.24 -0.95 1.60
N TRP A 13 4.40 -1.56 1.79
CA TRP A 13 4.93 -2.50 0.81
C TRP A 13 4.30 -3.87 0.99
N CYS A 14 3.35 -4.19 0.13
CA CYS A 14 2.76 -5.51 0.15
C CYS A 14 3.68 -6.49 -0.55
N THR A 15 4.37 -7.30 0.24
CA THR A 15 5.32 -8.27 -0.32
C THR A 15 4.61 -9.30 -1.17
N LEU A 16 3.32 -9.49 -0.87
CA LEU A 16 2.47 -10.41 -1.61
C LEU A 16 2.20 -9.87 -3.02
N CYS A 17 2.35 -8.56 -3.17
CA CYS A 17 2.13 -7.90 -4.45
C CYS A 17 3.44 -7.38 -5.04
N ASP A 18 4.50 -7.47 -4.25
CA ASP A 18 5.84 -7.04 -4.68
C ASP A 18 5.84 -5.55 -5.03
N ARG A 19 4.95 -4.80 -4.40
CA ARG A 19 4.82 -3.37 -4.65
C ARG A 19 4.16 -2.72 -3.45
N ALA A 20 4.26 -1.41 -3.36
CA ALA A 20 3.74 -0.69 -2.22
C ALA A 20 2.56 0.17 -2.58
N TYR A 21 1.77 0.49 -1.57
CA TYR A 21 0.61 1.35 -1.72
C TYR A 21 0.66 2.45 -0.65
N PRO A 22 -0.09 3.55 -0.85
CA PRO A 22 -0.12 4.67 0.11
C PRO A 22 -0.81 4.29 1.42
N SER A 23 -1.30 3.06 1.48
CA SER A 23 -1.93 2.53 2.66
C SER A 23 -2.08 1.02 2.48
N ASP A 24 -2.85 0.36 3.34
CA ASP A 24 -3.00 -1.10 3.29
C ASP A 24 -3.43 -1.58 1.91
N CYS A 25 -2.98 -2.78 1.55
CA CYS A 25 -3.18 -3.32 0.21
C CYS A 25 -4.66 -3.60 -0.04
N PRO A 26 -5.17 -3.16 -1.23
CA PRO A 26 -6.58 -3.30 -1.60
C PRO A 26 -7.09 -4.74 -1.59
N GLU A 27 -6.19 -5.72 -1.61
CA GLU A 27 -6.60 -7.12 -1.65
C GLU A 27 -6.02 -7.92 -0.49
N HIS A 28 -5.06 -7.33 0.23
CA HIS A 28 -4.34 -8.07 1.28
C HIS A 28 -4.42 -7.35 2.63
N GLY A 29 -5.11 -6.24 2.66
CA GLY A 29 -5.32 -5.52 3.90
C GLY A 29 -6.62 -4.77 3.86
N PRO A 30 -6.90 -3.92 4.87
CA PRO A 30 -8.05 -3.02 4.85
C PRO A 30 -8.05 -2.18 3.58
N VAL A 31 -8.90 -2.55 2.63
CA VAL A 31 -8.90 -1.96 1.30
C VAL A 31 -8.97 -0.43 1.35
N THR A 32 -7.89 0.17 0.86
CA THR A 32 -7.79 1.62 0.78
C THR A 32 -8.57 2.14 -0.43
N PHE A 33 -8.21 1.64 -1.60
CA PHE A 33 -8.84 2.03 -2.84
C PHE A 33 -8.46 1.03 -3.92
N VAL A 34 -9.44 0.55 -4.67
CA VAL A 34 -9.17 -0.38 -5.75
C VAL A 34 -9.09 0.37 -7.08
N PRO A 35 -7.88 0.45 -7.67
CA PRO A 35 -7.66 1.14 -8.93
C PRO A 35 -8.06 0.29 -10.13
N ASP A 36 -8.20 -1.01 -9.89
CA ASP A 36 -8.57 -1.95 -10.95
C ASP A 36 -10.07 -2.18 -10.94
N THR A 37 -10.78 -1.33 -11.66
CA THR A 37 -12.23 -1.43 -11.76
C THR A 37 -12.66 -1.64 -13.21
N PRO A 38 -12.80 -2.91 -13.64
CA PRO A 38 -13.27 -3.24 -14.98
C PRO A 38 -14.71 -2.80 -15.21
N ILE A 39 -14.87 -1.60 -15.74
CA ILE A 39 -16.19 -1.07 -16.07
C ILE A 39 -16.23 -0.65 -17.53
N GLY A 1 16.36 23.25 -2.81
CA GLY A 1 16.58 21.97 -3.54
C GLY A 1 15.34 21.10 -3.52
N SER A 2 15.46 19.90 -4.08
CA SER A 2 14.34 18.97 -4.12
C SER A 2 13.97 18.51 -2.71
N LYS A 3 12.68 18.48 -2.42
CA LYS A 3 12.21 18.04 -1.12
C LYS A 3 12.09 16.52 -1.07
N GLU A 4 12.89 15.91 -0.20
CA GLU A 4 12.91 14.46 -0.01
C GLU A 4 13.43 13.76 -1.27
N ASN A 5 14.72 13.44 -1.27
CA ASN A 5 15.37 12.82 -2.42
C ASN A 5 15.08 11.32 -2.48
N MET A 6 13.81 10.98 -2.48
CA MET A 6 13.39 9.59 -2.59
C MET A 6 12.22 9.47 -3.56
N ALA A 7 12.46 8.77 -4.66
CA ALA A 7 11.43 8.59 -5.67
C ALA A 7 10.39 7.58 -5.19
N THR A 8 9.11 7.92 -5.39
CA THR A 8 7.97 7.08 -5.01
C THR A 8 8.04 6.64 -3.54
N LEU A 9 7.37 7.40 -2.68
CA LEU A 9 7.32 7.10 -1.25
C LEU A 9 6.59 5.78 -1.05
N PHE A 10 7.30 4.78 -0.56
CA PHE A 10 6.71 3.49 -0.29
C PHE A 10 6.39 3.35 1.19
N THR A 11 5.10 3.42 1.51
CA THR A 11 4.66 3.34 2.90
C THR A 11 4.20 1.93 3.25
N ILE A 12 3.34 1.37 2.44
CA ILE A 12 2.74 0.09 2.74
C ILE A 12 3.19 -0.96 1.74
N TRP A 13 4.36 -1.53 1.98
CA TRP A 13 4.91 -2.53 1.09
C TRP A 13 4.14 -3.83 1.20
N CYS A 14 3.37 -4.14 0.17
CA CYS A 14 2.66 -5.39 0.13
C CYS A 14 3.53 -6.45 -0.53
N THR A 15 4.07 -7.34 0.28
CA THR A 15 4.96 -8.39 -0.19
C THR A 15 4.31 -9.25 -1.25
N LEU A 16 3.01 -9.50 -1.08
CA LEU A 16 2.24 -10.31 -2.01
C LEU A 16 2.12 -9.63 -3.36
N CYS A 17 2.19 -8.30 -3.36
CA CYS A 17 2.04 -7.51 -4.57
C CYS A 17 3.39 -7.16 -5.18
N ASP A 18 4.47 -7.44 -4.43
CA ASP A 18 5.85 -7.13 -4.88
C ASP A 18 6.10 -5.63 -4.89
N ARG A 19 5.10 -4.85 -4.50
CA ARG A 19 5.19 -3.40 -4.53
C ARG A 19 4.39 -2.81 -3.37
N ALA A 20 4.64 -1.54 -3.08
CA ALA A 20 3.99 -0.87 -1.97
C ALA A 20 2.77 -0.10 -2.44
N TYR A 21 1.97 0.35 -1.48
CA TYR A 21 0.74 1.06 -1.76
C TYR A 21 0.64 2.25 -0.83
N PRO A 22 -0.02 3.33 -1.28
CA PRO A 22 -0.17 4.56 -0.49
C PRO A 22 -0.98 4.33 0.79
N SER A 23 -1.69 3.21 0.84
CA SER A 23 -2.41 2.80 2.03
C SER A 23 -2.43 1.27 2.10
N ASP A 24 -3.17 0.71 3.05
CA ASP A 24 -3.29 -0.74 3.18
C ASP A 24 -3.74 -1.34 1.84
N CYS A 25 -3.12 -2.47 1.47
CA CYS A 25 -3.42 -3.09 0.18
C CYS A 25 -4.90 -3.46 0.08
N PRO A 26 -5.54 -3.10 -1.03
CA PRO A 26 -6.99 -3.31 -1.23
C PRO A 26 -7.35 -4.78 -1.51
N GLU A 27 -6.57 -5.68 -0.95
CA GLU A 27 -6.78 -7.10 -1.14
C GLU A 27 -6.04 -7.89 -0.07
N HIS A 28 -4.75 -7.60 0.08
CA HIS A 28 -3.91 -8.32 1.02
C HIS A 28 -3.78 -7.55 2.34
N GLY A 29 -4.45 -6.40 2.42
CA GLY A 29 -4.37 -5.59 3.62
C GLY A 29 -5.61 -5.73 4.48
N PRO A 30 -5.55 -5.27 5.74
CA PRO A 30 -6.68 -5.37 6.68
C PRO A 30 -7.73 -4.31 6.41
N VAL A 31 -8.39 -4.43 5.28
CA VAL A 31 -9.41 -3.48 4.87
C VAL A 31 -10.79 -4.12 4.89
N THR A 32 -11.70 -3.51 5.63
CA THR A 32 -13.09 -3.96 5.65
C THR A 32 -13.84 -3.29 4.49
N PHE A 33 -13.20 -2.29 3.92
CA PHE A 33 -13.70 -1.60 2.74
C PHE A 33 -12.57 -1.53 1.71
N VAL A 34 -12.84 -2.04 0.51
CA VAL A 34 -11.83 -2.08 -0.53
C VAL A 34 -11.73 -0.73 -1.24
N PRO A 35 -10.58 -0.04 -1.08
CA PRO A 35 -10.33 1.23 -1.76
C PRO A 35 -10.08 1.02 -3.26
N ASP A 36 -11.10 1.26 -4.06
CA ASP A 36 -10.96 1.15 -5.50
C ASP A 36 -10.46 2.46 -6.08
N THR A 37 -9.17 2.70 -5.91
CA THR A 37 -8.54 3.89 -6.43
C THR A 37 -7.28 3.53 -7.19
N PRO A 38 -7.15 4.03 -8.44
CA PRO A 38 -5.95 3.80 -9.27
C PRO A 38 -4.76 4.61 -8.77
N ILE A 39 -5.04 5.54 -7.88
CA ILE A 39 -4.01 6.39 -7.28
C ILE A 39 -3.54 5.77 -5.98
#